data_6KY6
#
_entry.id   6KY6
#
_cell.length_a   84.128
_cell.length_b   84.128
_cell.length_c   185.765
_cell.angle_alpha   90.000
_cell.angle_beta   90.000
_cell.angle_gamma   120.000
#
_symmetry.space_group_name_H-M   'P 32 2 1'
#
loop_
_entity.id
_entity.type
_entity.pdbx_description
1 polymer '2,5-diketo-D-gluconic acid reductase'
2 non-polymer 'NADP NICOTINAMIDE-ADENINE-DINUCLEOTIDE PHOSPHATE'
3 non-polymer '{5-[(2E)-2-methyl-3-phenylprop-2-en-1-ylidene]-4-oxo-2-thioxo-1,3-thiazolidin-3-yl}acetic acid'
4 non-polymer 'CHLORIDE ION'
5 water water
#
_entity_poly.entity_id   1
_entity_poly.type   'polypeptide(L)'
_entity_poly.pdbx_seq_one_letter_code
;MLYKELGRTGEEIPALGLGTWGIGGFETPDYSRDEEMVELLKTAIKMGYTHIDTAEYYGGGHTEELIGKAIKDFRREDLF
IVSKVWPTHLRRDDLLRSLENTLKRLDTDYVDLYLIHWPNPEIPLEETLSAMAEGVRQGLIRYIGVSNFDRRLLEEAISK
SQEPIVCDQVKYNIEDRDPERDGLLEFCQKNGVTLVAYSPLRRTLLSEKTKRTLEEIAKNHGATIYQIMLAWLLAKPNVV
AIPKAGRVEHLRENLKATEIKLSEEEMKLLDSLG
;
_entity_poly.pdbx_strand_id   A,B
#
# COMPACT_ATOMS: atom_id res chain seq x y z
N MET A 1 -19.33 -21.27 9.98
CA MET A 1 -18.15 -20.98 9.11
C MET A 1 -18.35 -21.61 7.73
N LEU A 2 -18.51 -20.78 6.70
CA LEU A 2 -18.56 -21.23 5.31
C LEU A 2 -17.18 -21.72 4.84
N TYR A 3 -17.18 -22.81 4.06
CA TYR A 3 -15.98 -23.40 3.47
C TYR A 3 -16.08 -23.27 1.96
N LYS A 4 -14.92 -23.10 1.31
CA LYS A 4 -14.83 -23.15 -0.15
C LYS A 4 -13.57 -23.92 -0.53
N GLU A 5 -13.53 -24.42 -1.77
CA GLU A 5 -12.39 -25.20 -2.22
C GLU A 5 -11.22 -24.24 -2.50
N LEU A 6 -10.02 -24.65 -2.12
CA LEU A 6 -8.82 -23.92 -2.47
C LEU A 6 -8.34 -24.37 -3.85
N GLY A 7 -8.26 -23.43 -4.78
CA GLY A 7 -7.80 -23.73 -6.11
C GLY A 7 -8.51 -24.96 -6.65
N ARG A 8 -7.74 -25.91 -7.18
CA ARG A 8 -8.28 -27.20 -7.63
C ARG A 8 -7.74 -28.34 -6.77
N THR A 9 -7.52 -28.08 -5.49
CA THR A 9 -6.78 -28.98 -4.66
C THR A 9 -7.67 -30.14 -4.14
N GLY A 10 -9.00 -30.03 -4.29
CA GLY A 10 -9.93 -30.96 -3.67
C GLY A 10 -9.98 -30.80 -2.16
N GLU A 11 -9.47 -29.67 -1.67
CA GLU A 11 -9.45 -29.37 -0.28
C GLU A 11 -10.23 -28.07 -0.01
N GLU A 12 -11.05 -28.09 1.02
CA GLU A 12 -11.88 -26.94 1.36
C GLU A 12 -11.22 -26.20 2.52
N ILE A 13 -11.28 -24.89 2.48
CA ILE A 13 -10.77 -24.08 3.60
C ILE A 13 -11.88 -23.14 4.10
N PRO A 14 -11.75 -22.68 5.34
CA PRO A 14 -12.65 -21.61 5.82
C PRO A 14 -12.60 -20.40 4.86
N ALA A 15 -13.78 -19.93 4.43
CA ALA A 15 -13.86 -18.84 3.48
C ALA A 15 -13.70 -17.49 4.19
N LEU A 16 -13.66 -17.47 5.53
CA LEU A 16 -13.13 -16.31 6.28
C LEU A 16 -11.79 -16.72 6.89
N GLY A 17 -10.74 -16.00 6.58
CA GLY A 17 -9.51 -16.16 7.30
C GLY A 17 -9.42 -15.15 8.42
N LEU A 18 -8.45 -15.36 9.30
CA LEU A 18 -8.15 -14.49 10.40
C LEU A 18 -6.94 -13.65 10.01
N GLY A 19 -7.15 -12.36 9.79
CA GLY A 19 -6.04 -11.49 9.46
C GLY A 19 -5.33 -11.10 10.71
N THR A 20 -4.00 -11.09 10.68
CA THR A 20 -3.24 -10.92 11.90
C THR A 20 -2.34 -9.68 11.86
N TRP A 21 -2.49 -8.83 10.83
CA TRP A 21 -1.72 -7.58 10.78
C TRP A 21 -2.11 -6.69 11.98
N GLY A 22 -1.13 -6.28 12.77
CA GLY A 22 -1.40 -5.47 13.95
C GLY A 22 -1.19 -6.27 15.24
N ILE A 23 -1.35 -7.58 15.16
CA ILE A 23 -1.25 -8.45 16.32
C ILE A 23 0.24 -8.64 16.65
N GLY A 24 0.66 -8.08 17.79
CA GLY A 24 2.07 -8.15 18.19
C GLY A 24 2.91 -7.06 17.55
N GLY A 25 2.27 -6.01 17.06
CA GLY A 25 2.99 -4.90 16.44
C GLY A 25 2.68 -4.80 14.95
N PHE A 26 3.20 -3.75 14.31
CA PHE A 26 2.98 -3.50 12.90
C PHE A 26 4.29 -3.75 12.15
N GLU A 27 5.13 -2.74 11.92
CA GLU A 27 6.38 -2.97 11.18
C GLU A 27 7.47 -3.46 12.13
N THR A 28 7.30 -3.19 13.41
CA THR A 28 8.27 -3.61 14.43
C THR A 28 7.56 -4.33 15.57
N PRO A 29 8.30 -5.13 16.33
CA PRO A 29 7.66 -5.90 17.38
C PRO A 29 7.09 -5.05 18.53
N ASP A 30 5.91 -5.45 19.02
CA ASP A 30 5.28 -4.87 20.21
C ASP A 30 5.02 -6.01 21.22
N TYR A 31 5.76 -6.03 22.31
CA TYR A 31 5.66 -7.13 23.30
C TYR A 31 4.63 -6.80 24.39
N SER A 32 4.12 -5.58 24.41
CA SER A 32 3.42 -5.06 25.59
C SER A 32 2.07 -5.76 25.82
N ARG A 33 1.53 -6.46 24.84
CA ARG A 33 0.17 -7.04 25.00
C ARG A 33 0.17 -8.54 24.64
N ASP A 34 1.28 -9.20 24.88
CA ASP A 34 1.48 -10.57 24.36
C ASP A 34 0.41 -11.52 24.90
N GLU A 35 0.15 -11.50 26.20
CA GLU A 35 -0.79 -12.48 26.78
C GLU A 35 -2.21 -12.21 26.28
N GLU A 36 -2.61 -10.95 26.18
CA GLU A 36 -3.94 -10.63 25.70
C GLU A 36 -4.11 -11.10 24.23
N MET A 37 -3.07 -10.93 23.40
CA MET A 37 -3.13 -11.28 21.97
C MET A 37 -3.21 -12.81 21.80
N VAL A 38 -2.37 -13.54 22.52
CA VAL A 38 -2.46 -15.01 22.50
C VAL A 38 -3.87 -15.45 22.88
N GLU A 39 -4.48 -14.81 23.88
CA GLU A 39 -5.84 -15.21 24.32
C GLU A 39 -6.85 -14.90 23.21
N LEU A 40 -6.64 -13.77 22.54
CA LEU A 40 -7.53 -13.40 21.44
C LEU A 40 -7.41 -14.44 20.32
N LEU A 41 -6.20 -14.83 19.96
CA LEU A 41 -6.02 -15.83 18.84
C LEU A 41 -6.67 -17.18 19.20
N LYS A 42 -6.48 -17.63 20.45
CA LYS A 42 -7.10 -18.90 20.89
C LYS A 42 -8.63 -18.81 20.80
N THR A 43 -9.20 -17.69 21.22
CA THR A 43 -10.65 -17.52 21.18
C THR A 43 -11.11 -17.55 19.74
N ALA A 44 -10.40 -16.81 18.86
CA ALA A 44 -10.76 -16.85 17.42
C ALA A 44 -10.72 -18.30 16.90
N ILE A 45 -9.64 -18.99 17.19
CA ILE A 45 -9.51 -20.38 16.67
C ILE A 45 -10.69 -21.23 17.19
N LYS A 46 -10.98 -21.15 18.49
CA LYS A 46 -12.04 -22.01 19.13
C LYS A 46 -13.40 -21.67 18.52
N MET A 47 -13.57 -20.41 18.11
CA MET A 47 -14.81 -19.95 17.49
C MET A 47 -14.94 -20.50 16.07
N GLY A 48 -13.87 -21.05 15.49
CA GLY A 48 -13.94 -21.59 14.12
C GLY A 48 -13.02 -20.87 13.13
N TYR A 49 -12.17 -19.95 13.59
CA TYR A 49 -11.20 -19.29 12.68
C TYR A 49 -9.91 -20.13 12.61
N THR A 50 -9.97 -21.21 11.84
CA THR A 50 -8.84 -22.16 11.75
C THR A 50 -7.94 -21.79 10.56
N HIS A 51 -8.44 -20.95 9.66
CA HIS A 51 -7.64 -20.34 8.58
C HIS A 51 -6.99 -19.04 9.07
N ILE A 52 -5.67 -19.05 9.22
CA ILE A 52 -4.89 -17.96 9.80
C ILE A 52 -3.94 -17.36 8.76
N ASP A 53 -4.06 -16.06 8.52
CA ASP A 53 -3.22 -15.34 7.53
C ASP A 53 -2.18 -14.49 8.26
N THR A 54 -0.90 -14.80 8.03
CA THR A 54 0.18 -14.02 8.61
C THR A 54 1.30 -13.87 7.58
N ALA A 55 2.43 -13.32 8.02
CA ALA A 55 3.59 -12.97 7.14
C ALA A 55 4.82 -12.78 8.01
N GLU A 56 6.02 -13.04 7.47
CA GLU A 56 7.25 -12.77 8.20
C GLU A 56 7.35 -11.27 8.57
N TYR A 57 6.80 -10.41 7.73
CA TYR A 57 6.87 -8.94 8.01
C TYR A 57 6.02 -8.50 9.22
N TYR A 58 4.93 -9.21 9.51
CA TYR A 58 4.00 -8.78 10.55
C TYR A 58 4.69 -8.76 11.92
N GLY A 59 4.71 -7.59 12.55
CA GLY A 59 5.31 -7.34 13.85
C GLY A 59 6.79 -7.60 13.86
N GLY A 60 7.44 -7.39 12.71
CA GLY A 60 8.85 -7.72 12.58
C GLY A 60 9.13 -9.18 12.92
N GLY A 61 8.17 -10.07 12.73
CA GLY A 61 8.32 -11.49 13.05
C GLY A 61 7.52 -11.91 14.28
N HIS A 62 7.14 -10.94 15.10
CA HIS A 62 6.50 -11.22 16.39
C HIS A 62 5.06 -11.74 16.20
N THR A 63 4.39 -11.32 15.15
CA THR A 63 3.03 -11.83 14.91
C THR A 63 3.09 -13.37 14.83
N GLU A 64 4.05 -13.89 14.06
CA GLU A 64 4.19 -15.33 13.88
C GLU A 64 4.50 -16.00 15.22
N GLU A 65 5.32 -15.38 16.07
CA GLU A 65 5.65 -15.92 17.42
C GLU A 65 4.39 -15.97 18.29
N LEU A 66 3.56 -14.93 18.26
CA LEU A 66 2.28 -14.93 19.01
C LEU A 66 1.35 -16.03 18.47
N ILE A 67 1.28 -16.18 17.16
CA ILE A 67 0.45 -17.22 16.52
C ILE A 67 0.99 -18.60 16.95
N GLY A 68 2.30 -18.75 17.01
CA GLY A 68 2.96 -19.98 17.37
C GLY A 68 2.58 -20.46 18.76
N LYS A 69 2.40 -19.54 19.70
CA LYS A 69 2.00 -19.86 21.07
C LYS A 69 0.53 -20.28 21.05
N ALA A 70 -0.29 -19.48 20.41
CA ALA A 70 -1.74 -19.70 20.38
C ALA A 70 -2.12 -21.07 19.79
N ILE A 71 -1.46 -21.51 18.73
CA ILE A 71 -1.81 -22.77 18.01
C ILE A 71 -1.50 -24.04 18.84
N LYS A 72 -0.61 -23.93 19.82
CA LYS A 72 -0.13 -24.99 20.74
C LYS A 72 -1.31 -25.57 21.51
N ASP A 73 -2.39 -24.82 21.64
CA ASP A 73 -3.58 -25.33 22.32
C ASP A 73 -4.44 -26.14 21.34
N PHE A 74 -3.98 -26.41 20.13
CA PHE A 74 -4.85 -27.05 19.14
C PHE A 74 -4.03 -28.07 18.33
N ARG A 75 -4.74 -28.82 17.52
CA ARG A 75 -4.08 -29.83 16.67
C ARG A 75 -3.55 -29.12 15.42
N ARG A 76 -2.26 -29.17 15.19
CA ARG A 76 -1.69 -28.47 14.04
C ARG A 76 -2.47 -28.81 12.76
N GLU A 77 -2.87 -30.07 12.59
CA GLU A 77 -3.48 -30.55 11.34
C GLU A 77 -4.91 -30.00 11.17
N ASP A 78 -5.52 -29.46 12.23
CA ASP A 78 -6.83 -28.87 12.09
C ASP A 78 -6.72 -27.41 11.57
N LEU A 79 -5.52 -26.84 11.54
CA LEU A 79 -5.32 -25.41 11.20
C LEU A 79 -4.82 -25.28 9.74
N PHE A 80 -5.25 -24.21 9.07
CA PHE A 80 -4.73 -23.79 7.77
C PHE A 80 -3.94 -22.47 7.96
N ILE A 81 -2.62 -22.58 8.08
CA ILE A 81 -1.78 -21.45 8.38
C ILE A 81 -1.10 -20.98 7.08
N VAL A 82 -1.31 -19.71 6.76
CA VAL A 82 -0.74 -19.04 5.58
C VAL A 82 0.37 -18.08 6.04
N SER A 83 1.55 -18.20 5.45
CA SER A 83 2.56 -17.15 5.63
C SER A 83 3.08 -16.66 4.27
N LYS A 84 3.90 -15.63 4.35
CA LYS A 84 4.34 -14.87 3.15
C LYS A 84 5.80 -14.45 3.27
N VAL A 85 6.48 -14.43 2.15
CA VAL A 85 7.91 -14.01 2.04
C VAL A 85 7.96 -12.58 1.45
N TRP A 86 8.62 -11.68 2.17
CA TRP A 86 8.73 -10.25 1.80
C TRP A 86 9.55 -10.11 0.50
N PRO A 87 9.29 -9.08 -0.29
CA PRO A 87 9.95 -8.88 -1.61
C PRO A 87 11.49 -8.82 -1.59
N THR A 88 12.09 -8.41 -0.49
CA THR A 88 13.57 -8.35 -0.37
C THR A 88 14.17 -9.78 -0.26
N HIS A 89 13.35 -10.83 -0.06
CA HIS A 89 13.86 -12.17 0.23
C HIS A 89 13.51 -13.17 -0.88
N LEU A 90 13.30 -12.75 -2.14
CA LEU A 90 12.75 -13.65 -3.14
C LEU A 90 13.85 -14.40 -3.89
N ARG A 91 15.11 -14.09 -3.68
CA ARG A 91 16.20 -14.95 -4.22
C ARG A 91 16.26 -16.27 -3.44
N ARG A 92 16.76 -17.32 -4.10
CA ARG A 92 16.59 -18.70 -3.63
C ARG A 92 17.02 -18.84 -2.16
N ASP A 93 18.23 -18.40 -1.83
CA ASP A 93 18.79 -18.65 -0.50
C ASP A 93 18.07 -17.83 0.57
N ASP A 94 17.74 -16.57 0.26
CA ASP A 94 16.98 -15.74 1.16
C ASP A 94 15.57 -16.30 1.36
N LEU A 95 14.96 -16.82 0.30
CA LEU A 95 13.60 -17.31 0.42
C LEU A 95 13.60 -18.52 1.36
N LEU A 96 14.53 -19.47 1.20
CA LEU A 96 14.54 -20.69 2.06
C LEU A 96 14.91 -20.32 3.50
N ARG A 97 15.78 -19.35 3.67
CA ARG A 97 16.08 -18.85 5.00
C ARG A 97 14.83 -18.23 5.63
N SER A 98 14.09 -17.41 4.88
CA SER A 98 12.88 -16.80 5.38
C SER A 98 11.84 -17.86 5.79
N LEU A 99 11.66 -18.86 4.96
CA LEU A 99 10.74 -19.95 5.23
C LEU A 99 11.13 -20.63 6.55
N GLU A 100 12.37 -20.97 6.71
CA GLU A 100 12.84 -21.70 7.88
C GLU A 100 12.59 -20.88 9.14
N ASN A 101 12.92 -19.57 9.07
CA ASN A 101 12.71 -18.68 10.20
C ASN A 101 11.22 -18.50 10.51
N THR A 102 10.37 -18.47 9.48
CA THR A 102 8.93 -18.43 9.69
C THR A 102 8.49 -19.70 10.45
N LEU A 103 9.04 -20.85 10.09
CA LEU A 103 8.70 -22.13 10.77
C LEU A 103 9.26 -22.14 12.19
N LYS A 104 10.44 -21.59 12.42
CA LYS A 104 10.92 -21.46 13.80
C LYS A 104 10.02 -20.54 14.65
N ARG A 105 9.55 -19.40 14.13
CA ARG A 105 8.74 -18.47 14.93
C ARG A 105 7.34 -19.05 15.16
N LEU A 106 6.73 -19.62 14.14
CA LEU A 106 5.44 -20.31 14.30
C LEU A 106 5.61 -21.57 15.15
N ASP A 107 6.85 -22.04 15.28
CA ASP A 107 7.23 -23.31 15.93
C ASP A 107 6.38 -24.46 15.39
N THR A 108 6.46 -24.68 14.08
CA THR A 108 5.72 -25.71 13.35
C THR A 108 6.62 -26.25 12.24
N ASP A 109 6.32 -27.44 11.72
CA ASP A 109 7.20 -28.10 10.75
C ASP A 109 6.85 -27.70 9.32
N TYR A 110 5.67 -27.15 9.10
CA TYR A 110 5.24 -26.75 7.77
C TYR A 110 4.24 -25.60 7.85
N VAL A 111 4.09 -24.90 6.72
CA VAL A 111 2.98 -23.98 6.50
C VAL A 111 2.07 -24.64 5.50
N ASP A 112 0.79 -24.31 5.56
CA ASP A 112 -0.20 -24.86 4.64
C ASP A 112 -0.13 -24.15 3.28
N LEU A 113 0.16 -22.84 3.33
CA LEU A 113 0.18 -21.97 2.14
C LEU A 113 1.27 -20.91 2.34
N TYR A 114 2.18 -20.84 1.36
CA TYR A 114 3.25 -19.83 1.37
C TYR A 114 3.10 -18.94 0.14
N LEU A 115 3.06 -17.62 0.36
CA LEU A 115 2.83 -16.62 -0.69
C LEU A 115 4.06 -15.73 -0.89
N ILE A 116 4.30 -15.36 -2.14
CA ILE A 116 5.07 -14.15 -2.46
C ILE A 116 4.26 -12.93 -1.99
N HIS A 117 4.76 -12.18 -1.02
CA HIS A 117 3.94 -11.13 -0.38
C HIS A 117 3.67 -9.96 -1.36
N TRP A 118 4.73 -9.52 -2.03
CA TRP A 118 4.68 -8.51 -3.11
C TRP A 118 5.66 -8.90 -4.19
N PRO A 119 5.39 -8.55 -5.44
CA PRO A 119 6.40 -8.83 -6.47
C PRO A 119 7.63 -7.92 -6.30
N ASN A 120 8.78 -8.45 -6.69
CA ASN A 120 9.99 -7.68 -6.83
C ASN A 120 10.50 -7.86 -8.28
N PRO A 121 10.29 -6.86 -9.14
CA PRO A 121 10.68 -6.96 -10.57
C PRO A 121 12.19 -7.18 -10.78
N GLU A 122 13.04 -6.89 -9.82
CA GLU A 122 14.48 -7.10 -9.96
C GLU A 122 14.85 -8.58 -9.80
N ILE A 123 13.98 -9.42 -9.22
CA ILE A 123 14.35 -10.83 -8.94
C ILE A 123 13.53 -11.71 -9.87
N PRO A 124 14.18 -12.56 -10.66
CA PRO A 124 13.43 -13.36 -11.63
C PRO A 124 12.40 -14.29 -10.94
N LEU A 125 11.19 -14.25 -11.44
CA LEU A 125 10.09 -14.98 -10.85
C LEU A 125 10.35 -16.50 -10.87
N GLU A 126 11.07 -16.98 -11.88
CA GLU A 126 11.37 -18.39 -12.02
C GLU A 126 12.30 -18.84 -10.88
N GLU A 127 13.28 -18.06 -10.52
CA GLU A 127 14.12 -18.35 -9.38
C GLU A 127 13.27 -18.50 -8.09
N THR A 128 12.38 -17.55 -7.88
CA THR A 128 11.59 -17.47 -6.67
C THR A 128 10.69 -18.70 -6.58
N LEU A 129 9.99 -19.00 -7.68
CA LEU A 129 9.04 -20.09 -7.70
C LEU A 129 9.76 -21.44 -7.60
N SER A 130 10.96 -21.60 -8.18
CA SER A 130 11.76 -22.80 -7.99
C SER A 130 12.13 -22.99 -6.53
N ALA A 131 12.54 -21.91 -5.86
CA ALA A 131 12.86 -21.97 -4.42
C ALA A 131 11.63 -22.43 -3.64
N MET A 132 10.45 -21.94 -3.98
CA MET A 132 9.24 -22.31 -3.26
C MET A 132 8.92 -23.81 -3.49
N ALA A 133 9.14 -24.27 -4.72
CA ALA A 133 8.96 -25.68 -5.07
C ALA A 133 9.95 -26.56 -4.28
N GLU A 134 11.16 -26.08 -4.01
CA GLU A 134 12.08 -26.78 -3.11
C GLU A 134 11.44 -26.94 -1.73
N GLY A 135 10.83 -25.88 -1.19
CA GLY A 135 10.10 -26.01 0.08
C GLY A 135 9.00 -27.06 0.02
N VAL A 136 8.24 -27.10 -1.07
CA VAL A 136 7.18 -28.07 -1.20
C VAL A 136 7.79 -29.48 -1.21
N ARG A 137 8.85 -29.67 -1.98
CA ARG A 137 9.46 -30.98 -2.16
C ARG A 137 10.05 -31.46 -0.81
N GLN A 138 10.48 -30.55 0.04
CA GLN A 138 11.07 -30.92 1.36
C GLN A 138 10.00 -31.11 2.42
N GLY A 139 8.73 -30.94 2.06
CA GLY A 139 7.63 -31.06 3.01
C GLY A 139 7.44 -29.82 3.89
N LEU A 140 7.98 -28.66 3.50
CA LEU A 140 7.91 -27.46 4.35
C LEU A 140 6.67 -26.62 4.02
N ILE A 141 6.12 -26.83 2.85
CA ILE A 141 5.00 -26.04 2.35
C ILE A 141 4.03 -27.03 1.71
N ARG A 142 2.73 -26.93 1.97
CA ARG A 142 1.82 -27.80 1.29
C ARG A 142 1.45 -27.18 -0.05
N TYR A 143 1.16 -25.87 -0.07
CA TYR A 143 0.71 -25.19 -1.30
C TYR A 143 1.35 -23.81 -1.44
N ILE A 144 1.44 -23.35 -2.67
CA ILE A 144 2.05 -22.05 -2.90
C ILE A 144 1.07 -21.15 -3.62
N GLY A 145 1.26 -19.84 -3.42
CA GLY A 145 0.49 -18.87 -4.14
C GLY A 145 1.20 -17.51 -4.15
N VAL A 146 0.48 -16.50 -4.60
CA VAL A 146 1.06 -15.19 -4.74
C VAL A 146 0.15 -14.16 -4.05
N SER A 147 0.71 -12.97 -3.85
CA SER A 147 -0.09 -11.87 -3.34
C SER A 147 0.27 -10.58 -4.08
N ASN A 148 -0.73 -9.75 -4.32
CA ASN A 148 -0.55 -8.45 -4.98
C ASN A 148 -0.03 -8.62 -6.42
N PHE A 149 -0.44 -9.71 -7.06
CA PHE A 149 -0.17 -9.98 -8.47
C PHE A 149 -1.42 -9.64 -9.28
N ASP A 150 -1.26 -8.72 -10.21
CA ASP A 150 -2.32 -8.47 -11.18
C ASP A 150 -2.45 -9.69 -12.11
N ARG A 151 -3.50 -9.70 -12.91
CA ARG A 151 -3.81 -10.81 -13.81
C ARG A 151 -2.57 -11.23 -14.63
N ARG A 152 -1.90 -10.28 -15.23
CA ARG A 152 -0.82 -10.59 -16.18
C ARG A 152 0.36 -11.24 -15.45
N LEU A 153 0.67 -10.74 -14.25
CA LEU A 153 1.74 -11.30 -13.46
C LEU A 153 1.31 -12.67 -12.90
N LEU A 154 0.03 -12.86 -12.63
CA LEU A 154 -0.45 -14.18 -12.19
C LEU A 154 -0.26 -15.18 -13.34
N GLU A 155 -0.64 -14.78 -14.56
CA GLU A 155 -0.45 -15.65 -15.73
C GLU A 155 1.04 -16.00 -15.92
N GLU A 156 1.92 -15.04 -15.75
CA GLU A 156 3.35 -15.28 -15.86
C GLU A 156 3.82 -16.25 -14.77
N ALA A 157 3.35 -16.07 -13.52
CA ALA A 157 3.72 -16.98 -12.41
C ALA A 157 3.25 -18.41 -12.74
N ILE A 158 2.01 -18.56 -13.20
CA ILE A 158 1.53 -19.87 -13.54
C ILE A 158 2.41 -20.50 -14.63
N SER A 159 2.90 -19.73 -15.59
CA SER A 159 3.73 -20.26 -16.67
C SER A 159 5.12 -20.62 -16.16
N LYS A 160 5.64 -20.00 -15.08
CA LYS A 160 6.99 -20.30 -14.61
C LYS A 160 7.01 -21.28 -13.43
N SER A 161 5.88 -21.78 -12.97
CA SER A 161 5.84 -22.51 -11.68
C SER A 161 5.70 -24.01 -11.90
N GLN A 162 6.63 -24.79 -11.38
CA GLN A 162 6.50 -26.25 -11.33
C GLN A 162 5.26 -26.63 -10.52
N GLU A 163 5.00 -25.95 -9.40
CA GLU A 163 3.84 -26.24 -8.55
C GLU A 163 2.63 -25.38 -8.96
N PRO A 164 1.42 -25.91 -8.76
CA PRO A 164 0.20 -25.14 -8.95
C PRO A 164 0.18 -23.85 -8.10
N ILE A 165 -0.21 -22.72 -8.71
CA ILE A 165 -0.52 -21.47 -7.97
C ILE A 165 -1.98 -21.54 -7.49
N VAL A 166 -2.20 -21.79 -6.21
CA VAL A 166 -3.54 -22.10 -5.76
C VAL A 166 -4.33 -20.81 -5.49
N CYS A 167 -3.65 -19.69 -5.26
CA CYS A 167 -4.38 -18.47 -4.95
C CYS A 167 -3.58 -17.20 -5.29
N ASP A 168 -4.32 -16.12 -5.36
CA ASP A 168 -3.81 -14.74 -5.47
C ASP A 168 -4.52 -13.85 -4.43
N GLN A 169 -3.75 -13.34 -3.47
CA GLN A 169 -4.30 -12.56 -2.37
C GLN A 169 -4.17 -11.09 -2.73
N VAL A 170 -5.31 -10.42 -2.94
CA VAL A 170 -5.33 -9.01 -3.41
C VAL A 170 -6.36 -8.21 -2.60
N LYS A 171 -6.18 -6.90 -2.63
CA LYS A 171 -7.18 -5.97 -2.07
C LYS A 171 -8.47 -6.01 -2.91
N TYR A 172 -9.57 -6.34 -2.23
CA TYR A 172 -10.88 -6.40 -2.86
C TYR A 172 -11.95 -6.16 -1.81
N ASN A 173 -12.81 -5.18 -2.06
CA ASN A 173 -13.93 -4.85 -1.18
C ASN A 173 -14.96 -4.04 -1.99
N ILE A 174 -16.01 -3.61 -1.30
CA ILE A 174 -17.18 -3.00 -1.96
C ILE A 174 -16.76 -1.72 -2.72
N GLU A 175 -15.68 -1.04 -2.35
CA GLU A 175 -15.23 0.15 -3.11
C GLU A 175 -13.98 -0.12 -3.96
N ASP A 176 -13.13 -1.09 -3.61
N ASP A 176 -13.12 -1.08 -3.60
CA ASP A 176 -11.88 -1.32 -4.36
CA ASP A 176 -11.89 -1.30 -4.38
C ASP A 176 -12.12 -2.43 -5.38
C ASP A 176 -12.12 -2.43 -5.38
N ARG A 177 -12.27 -2.06 -6.65
CA ARG A 177 -12.69 -3.03 -7.66
C ARG A 177 -11.55 -3.37 -8.62
N ASP A 178 -10.30 -3.11 -8.28
CA ASP A 178 -9.19 -3.39 -9.22
C ASP A 178 -9.26 -4.83 -9.74
N PRO A 179 -9.54 -5.81 -8.86
CA PRO A 179 -9.57 -7.16 -9.40
C PRO A 179 -10.66 -7.37 -10.48
N GLU A 180 -11.76 -6.60 -10.42
CA GLU A 180 -12.82 -6.74 -11.42
C GLU A 180 -12.34 -6.10 -12.73
N ARG A 181 -11.84 -4.88 -12.62
CA ARG A 181 -11.46 -4.08 -13.77
C ARG A 181 -10.27 -4.70 -14.53
N ASP A 182 -9.46 -5.51 -13.86
CA ASP A 182 -8.23 -6.12 -14.40
C ASP A 182 -8.54 -7.43 -15.11
N GLY A 183 -9.74 -7.97 -14.93
CA GLY A 183 -10.03 -9.33 -15.37
C GLY A 183 -9.51 -10.39 -14.42
N LEU A 184 -9.00 -9.98 -13.25
CA LEU A 184 -8.33 -10.97 -12.37
C LEU A 184 -9.37 -11.92 -11.80
N LEU A 185 -10.48 -11.40 -11.31
CA LEU A 185 -11.50 -12.27 -10.70
C LEU A 185 -11.99 -13.30 -11.71
N GLU A 186 -12.37 -12.82 -12.87
CA GLU A 186 -12.83 -13.67 -13.97
C GLU A 186 -11.75 -14.71 -14.34
N PHE A 187 -10.50 -14.28 -14.49
CA PHE A 187 -9.39 -15.22 -14.76
C PHE A 187 -9.35 -16.33 -13.70
N CYS A 188 -9.44 -15.95 -12.41
CA CYS A 188 -9.35 -16.89 -11.31
C CYS A 188 -10.50 -17.91 -11.40
N GLN A 189 -11.69 -17.41 -11.66
CA GLN A 189 -12.92 -18.18 -11.71
C GLN A 189 -12.85 -19.21 -12.86
N LYS A 190 -12.19 -18.86 -13.95
CA LYS A 190 -12.12 -19.74 -15.12
C LYS A 190 -10.89 -20.66 -15.04
N ASN A 191 -9.91 -20.40 -14.18
CA ASN A 191 -8.67 -21.15 -14.19
C ASN A 191 -8.43 -21.87 -12.85
N GLY A 192 -9.39 -21.90 -11.94
CA GLY A 192 -9.21 -22.71 -10.71
C GLY A 192 -8.23 -22.08 -9.71
N VAL A 193 -8.20 -20.74 -9.65
CA VAL A 193 -7.40 -20.03 -8.67
C VAL A 193 -8.35 -19.35 -7.69
N THR A 194 -8.05 -19.46 -6.41
CA THR A 194 -8.83 -18.80 -5.38
C THR A 194 -8.35 -17.35 -5.26
N LEU A 195 -9.27 -16.41 -5.35
CA LEU A 195 -8.96 -15.02 -5.05
C LEU A 195 -9.23 -14.73 -3.58
N VAL A 196 -8.20 -14.38 -2.85
CA VAL A 196 -8.29 -14.08 -1.44
C VAL A 196 -8.31 -12.56 -1.29
N ALA A 197 -9.45 -12.05 -0.82
CA ALA A 197 -9.66 -10.61 -0.63
C ALA A 197 -9.15 -10.14 0.71
N TYR A 198 -8.09 -9.34 0.69
CA TYR A 198 -7.69 -8.66 1.89
C TYR A 198 -8.31 -7.26 1.92
N SER A 199 -8.20 -6.63 3.08
CA SER A 199 -8.94 -5.42 3.46
C SER A 199 -10.38 -5.51 2.93
N PRO A 200 -11.07 -6.62 3.23
CA PRO A 200 -12.42 -6.80 2.67
C PRO A 200 -13.46 -5.83 3.26
N LEU A 201 -13.17 -5.22 4.40
CA LEU A 201 -14.06 -4.17 4.94
C LEU A 201 -13.47 -2.78 4.63
N ARG A 202 -12.38 -2.75 3.85
CA ARG A 202 -11.67 -1.51 3.43
C ARG A 202 -11.21 -0.76 4.69
N ARG A 203 -10.92 -1.52 5.74
CA ARG A 203 -10.49 -0.95 7.02
C ARG A 203 -11.59 -0.01 7.52
N THR A 204 -12.85 -0.23 7.13
CA THR A 204 -14.06 0.51 7.61
C THR A 204 -14.15 1.92 7.01
N LEU A 205 -13.28 2.23 6.06
CA LEU A 205 -13.24 3.53 5.34
C LEU A 205 -14.05 3.42 4.05
N LEU A 206 -15.29 3.88 4.14
CA LEU A 206 -16.34 3.88 3.08
C LEU A 206 -16.77 5.32 2.78
N SER A 207 -17.44 5.52 1.66
CA SER A 207 -18.00 6.86 1.36
C SER A 207 -19.45 6.96 1.84
N GLU A 208 -20.05 8.15 1.81
CA GLU A 208 -21.47 8.31 2.20
C GLU A 208 -22.41 7.54 1.24
N LYS A 209 -22.26 7.60 -0.09
CA LYS A 209 -23.22 6.91 -1.04
C LYS A 209 -23.22 5.36 -0.97
N THR A 210 -22.05 4.76 -0.86
CA THR A 210 -21.94 3.34 -0.56
C THR A 210 -22.70 3.03 0.73
N LYS A 211 -22.52 3.89 1.71
CA LYS A 211 -23.14 3.72 3.03
C LYS A 211 -24.66 3.65 2.89
N ARG A 212 -25.25 4.52 2.07
CA ARG A 212 -26.72 4.57 1.97
C ARG A 212 -27.22 3.24 1.43
N THR A 213 -26.54 2.68 0.44
CA THR A 213 -26.98 1.42 -0.16
C THR A 213 -26.75 0.28 0.82
N LEU A 214 -25.59 0.21 1.45
CA LEU A 214 -25.32 -0.85 2.40
C LEU A 214 -26.34 -0.82 3.56
N GLU A 215 -26.74 0.37 3.98
CA GLU A 215 -27.66 0.52 5.13
C GLU A 215 -29.03 -0.07 4.78
N GLU A 216 -29.54 0.16 3.58
CA GLU A 216 -30.87 -0.40 3.24
C GLU A 216 -30.79 -1.93 3.25
N ILE A 217 -29.73 -2.47 2.67
CA ILE A 217 -29.59 -3.92 2.58
C ILE A 217 -29.36 -4.51 3.98
N ALA A 218 -28.57 -3.84 4.80
CA ALA A 218 -28.29 -4.38 6.16
C ALA A 218 -29.59 -4.43 6.99
N LYS A 219 -30.39 -3.40 6.85
CA LYS A 219 -31.68 -3.28 7.56
C LYS A 219 -32.57 -4.48 7.19
N ASN A 220 -32.73 -4.72 5.90
CA ASN A 220 -33.56 -5.84 5.44
C ASN A 220 -33.04 -7.17 5.99
N HIS A 221 -31.76 -7.30 6.30
CA HIS A 221 -31.23 -8.57 6.79
C HIS A 221 -31.03 -8.53 8.30
N GLY A 222 -31.40 -7.43 8.97
CA GLY A 222 -31.07 -7.26 10.37
C GLY A 222 -29.57 -7.40 10.64
N ALA A 223 -28.75 -6.85 9.75
CA ALA A 223 -27.28 -7.05 9.78
C ALA A 223 -26.55 -5.70 9.95
N THR A 224 -25.24 -5.70 10.19
CA THR A 224 -24.46 -4.46 10.07
C THR A 224 -23.98 -4.29 8.61
N ILE A 225 -23.63 -3.06 8.25
CA ILE A 225 -23.12 -2.79 6.91
C ILE A 225 -21.87 -3.61 6.63
N TYR A 226 -21.12 -4.01 7.66
CA TYR A 226 -19.87 -4.78 7.50
C TYR A 226 -20.19 -6.24 7.17
N GLN A 227 -21.20 -6.80 7.83
CA GLN A 227 -21.68 -8.15 7.48
C GLN A 227 -22.12 -8.20 6.01
N ILE A 228 -22.76 -7.16 5.50
CA ILE A 228 -23.21 -7.14 4.12
C ILE A 228 -21.98 -7.06 3.18
N MET A 229 -20.97 -6.28 3.58
CA MET A 229 -19.75 -6.21 2.80
C MET A 229 -19.09 -7.59 2.69
N LEU A 230 -19.05 -8.36 3.76
CA LEU A 230 -18.51 -9.70 3.69
C LEU A 230 -19.38 -10.66 2.89
N ALA A 231 -20.69 -10.68 3.16
CA ALA A 231 -21.60 -11.58 2.43
C ALA A 231 -21.44 -11.35 0.93
N TRP A 232 -21.19 -10.10 0.54
CA TRP A 232 -21.11 -9.75 -0.85
C TRP A 232 -19.90 -10.47 -1.47
N LEU A 233 -18.78 -10.46 -0.79
CA LEU A 233 -17.57 -11.05 -1.31
C LEU A 233 -17.78 -12.56 -1.38
N LEU A 234 -18.30 -13.14 -0.30
CA LEU A 234 -18.41 -14.58 -0.15
C LEU A 234 -19.43 -15.18 -1.13
N ALA A 235 -20.34 -14.37 -1.65
CA ALA A 235 -21.31 -14.84 -2.63
C ALA A 235 -20.63 -15.08 -3.99
N LYS A 236 -19.41 -14.59 -4.18
CA LYS A 236 -18.75 -14.71 -5.48
C LYS A 236 -17.96 -16.02 -5.53
N PRO A 237 -18.10 -16.75 -6.64
CA PRO A 237 -17.31 -17.97 -6.85
C PRO A 237 -15.81 -17.64 -6.76
N ASN A 238 -15.10 -18.46 -6.00
CA ASN A 238 -13.63 -18.47 -5.92
C ASN A 238 -13.15 -17.38 -4.95
N VAL A 239 -14.04 -16.64 -4.27
CA VAL A 239 -13.58 -15.55 -3.40
C VAL A 239 -13.65 -15.99 -1.94
N VAL A 240 -12.55 -15.81 -1.25
CA VAL A 240 -12.41 -15.98 0.15
C VAL A 240 -11.98 -14.60 0.71
N ALA A 241 -12.23 -14.32 1.98
CA ALA A 241 -11.95 -12.99 2.55
C ALA A 241 -11.19 -13.12 3.85
N ILE A 242 -10.26 -12.19 4.09
CA ILE A 242 -9.41 -12.18 5.28
C ILE A 242 -9.67 -10.91 6.09
N PRO A 243 -10.77 -10.82 6.87
CA PRO A 243 -10.94 -9.58 7.63
C PRO A 243 -9.98 -9.56 8.82
N LYS A 244 -9.47 -8.41 9.18
CA LYS A 244 -8.79 -8.33 10.48
C LYS A 244 -9.86 -8.16 11.56
N ALA A 245 -9.91 -9.03 12.55
CA ALA A 245 -10.80 -8.76 13.69
C ALA A 245 -10.00 -8.86 14.99
N GLY A 246 -9.77 -7.71 15.61
CA GLY A 246 -8.99 -7.63 16.83
C GLY A 246 -9.84 -7.74 18.08
N ARG A 247 -11.15 -7.95 17.95
CA ARG A 247 -12.03 -8.06 19.12
C ARG A 247 -13.04 -9.18 18.90
N VAL A 248 -13.50 -9.72 20.01
CA VAL A 248 -14.40 -10.84 20.01
C VAL A 248 -15.73 -10.43 19.35
N GLU A 249 -16.19 -9.23 19.62
CA GLU A 249 -17.46 -8.78 19.03
C GLU A 249 -17.36 -8.84 17.50
N HIS A 250 -16.20 -8.45 16.96
CA HIS A 250 -16.00 -8.41 15.49
C HIS A 250 -15.84 -9.84 14.95
N LEU A 251 -15.09 -10.68 15.65
CA LEU A 251 -14.97 -12.10 15.27
C LEU A 251 -16.35 -12.76 15.19
N ARG A 252 -17.21 -12.54 16.19
CA ARG A 252 -18.55 -13.16 16.20
C ARG A 252 -19.37 -12.56 15.04
N GLU A 253 -19.33 -11.23 14.90
CA GLU A 253 -20.16 -10.57 13.91
C GLU A 253 -19.77 -11.06 12.50
N ASN A 254 -18.47 -11.17 12.25
CA ASN A 254 -17.99 -11.53 10.90
C ASN A 254 -18.37 -12.99 10.57
N LEU A 255 -18.30 -13.87 11.55
CA LEU A 255 -18.74 -15.27 11.39
C LEU A 255 -20.23 -15.34 10.99
N LYS A 256 -21.08 -14.53 11.62
CA LYS A 256 -22.52 -14.53 11.30
C LYS A 256 -22.76 -14.07 9.86
N ALA A 257 -21.83 -13.31 9.29
CA ALA A 257 -21.98 -12.83 7.91
C ALA A 257 -21.98 -13.99 6.92
N THR A 258 -21.38 -15.12 7.31
CA THR A 258 -21.33 -16.26 6.40
C THR A 258 -22.71 -16.91 6.26
N GLU A 259 -23.74 -16.43 6.96
CA GLU A 259 -25.08 -17.01 6.90
C GLU A 259 -26.04 -16.08 6.16
N ILE A 260 -25.56 -14.92 5.76
CA ILE A 260 -26.44 -14.01 5.06
C ILE A 260 -26.61 -14.53 3.63
N LYS A 261 -27.85 -14.57 3.14
CA LYS A 261 -28.11 -14.89 1.74
C LYS A 261 -28.67 -13.66 1.05
N LEU A 262 -27.86 -13.03 0.21
CA LEU A 262 -28.28 -11.86 -0.52
C LEU A 262 -29.13 -12.30 -1.74
N SER A 263 -30.12 -11.51 -2.07
CA SER A 263 -30.90 -11.76 -3.25
C SER A 263 -30.11 -11.31 -4.48
N GLU A 264 -30.61 -11.69 -5.63
CA GLU A 264 -29.98 -11.41 -6.90
C GLU A 264 -29.99 -9.89 -7.13
N GLU A 265 -31.09 -9.25 -6.74
CA GLU A 265 -31.23 -7.79 -6.90
C GLU A 265 -30.25 -7.05 -5.96
N GLU A 266 -30.05 -7.60 -4.76
CA GLU A 266 -29.12 -7.05 -3.77
C GLU A 266 -27.69 -7.14 -4.35
N MET A 267 -27.32 -8.30 -4.89
CA MET A 267 -26.01 -8.48 -5.52
C MET A 267 -25.80 -7.47 -6.64
N LYS A 268 -26.85 -7.23 -7.43
CA LYS A 268 -26.75 -6.33 -8.58
C LYS A 268 -26.55 -4.88 -8.12
N LEU A 269 -27.27 -4.52 -7.08
CA LEU A 269 -27.14 -3.18 -6.53
C LEU A 269 -25.72 -3.00 -5.97
N LEU A 270 -25.27 -3.98 -5.20
CA LEU A 270 -23.95 -3.91 -4.57
C LEU A 270 -22.87 -3.89 -5.66
N ASP A 271 -23.00 -4.73 -6.70
CA ASP A 271 -21.98 -4.74 -7.79
C ASP A 271 -21.82 -3.35 -8.41
N SER A 272 -22.96 -2.64 -8.54
CA SER A 272 -23.00 -1.31 -9.20
C SER A 272 -22.35 -0.21 -8.35
N LEU A 273 -22.03 -0.43 -7.09
CA LEU A 273 -21.40 0.64 -6.30
C LEU A 273 -19.94 0.87 -6.76
N GLY A 274 -19.43 0.07 -7.68
CA GLY A 274 -18.14 0.32 -8.31
C GLY A 274 -18.13 -0.12 -9.76
N MET B 1 6.75 25.11 -15.52
CA MET B 1 6.62 24.49 -14.17
C MET B 1 5.88 25.42 -13.22
N LEU B 2 4.66 25.05 -12.82
CA LEU B 2 3.90 25.78 -11.81
C LEU B 2 4.57 25.64 -10.43
N TYR B 3 4.59 26.73 -9.68
CA TYR B 3 5.11 26.79 -8.32
C TYR B 3 3.97 27.06 -7.35
N LYS B 4 4.08 26.51 -6.13
CA LYS B 4 3.16 26.84 -5.05
C LYS B 4 3.98 26.98 -3.75
N GLU B 5 3.40 27.67 -2.76
CA GLU B 5 4.08 27.86 -1.48
C GLU B 5 4.04 26.55 -0.69
N LEU B 6 5.16 26.22 -0.05
CA LEU B 6 5.23 25.08 0.84
C LEU B 6 4.76 25.52 2.24
N GLY B 7 3.72 24.86 2.73
CA GLY B 7 3.22 25.19 4.04
C GLY B 7 3.04 26.68 4.21
N ARG B 8 3.57 27.23 5.31
CA ARG B 8 3.60 28.68 5.52
C ARG B 8 5.05 29.16 5.54
N THR B 9 5.92 28.56 4.75
CA THR B 9 7.35 28.81 4.86
C THR B 9 7.76 30.11 4.13
N GLY B 10 6.88 30.71 3.33
CA GLY B 10 7.24 31.82 2.47
C GLY B 10 8.14 31.40 1.32
N GLU B 11 8.20 30.10 1.08
CA GLU B 11 9.04 29.53 0.05
C GLU B 11 8.16 28.76 -0.95
N GLU B 12 8.41 28.96 -2.25
CA GLU B 12 7.64 28.30 -3.29
C GLU B 12 8.44 27.10 -3.80
N ILE B 13 7.73 26.01 -4.09
CA ILE B 13 8.39 24.84 -4.70
C ILE B 13 7.65 24.47 -5.99
N PRO B 14 8.33 23.72 -6.87
CA PRO B 14 7.64 23.15 -8.03
C PRO B 14 6.42 22.31 -7.58
N ALA B 15 5.26 22.58 -8.17
CA ALA B 15 4.03 21.92 -7.81
C ALA B 15 3.95 20.53 -8.49
N LEU B 16 4.87 20.22 -9.40
CA LEU B 16 5.10 18.82 -9.81
C LEU B 16 6.45 18.37 -9.24
N GLY B 17 6.45 17.32 -8.45
CA GLY B 17 7.68 16.69 -8.08
C GLY B 17 8.01 15.56 -9.05
N LEU B 18 9.23 15.09 -8.96
CA LEU B 18 9.72 13.96 -9.72
C LEU B 18 9.69 12.75 -8.78
N GLY B 19 8.78 11.81 -9.05
CA GLY B 19 8.76 10.57 -8.26
C GLY B 19 9.83 9.65 -8.75
N THR B 20 10.53 9.00 -7.85
CA THR B 20 11.70 8.22 -8.20
C THR B 20 11.54 6.74 -7.80
N TRP B 21 10.34 6.33 -7.38
CA TRP B 21 10.12 4.90 -7.09
C TRP B 21 10.27 4.09 -8.38
N GLY B 22 11.15 3.11 -8.37
CA GLY B 22 11.41 2.31 -9.55
C GLY B 22 12.79 2.60 -10.12
N ILE B 23 13.30 3.80 -9.89
CA ILE B 23 14.56 4.23 -10.45
C ILE B 23 15.69 3.61 -9.65
N GLY B 24 16.42 2.69 -10.27
CA GLY B 24 17.50 1.97 -9.58
C GLY B 24 17.00 0.77 -8.78
N GLY B 25 15.80 0.32 -9.10
CA GLY B 25 15.23 -0.84 -8.41
C GLY B 25 14.01 -0.45 -7.59
N PHE B 26 13.36 -1.45 -6.99
CA PHE B 26 12.16 -1.26 -6.21
C PHE B 26 12.49 -1.52 -4.74
N GLU B 27 12.29 -2.75 -4.24
CA GLU B 27 12.58 -3.01 -2.81
C GLU B 27 14.07 -3.33 -2.64
N THR B 28 14.71 -3.74 -3.73
CA THR B 28 16.14 -4.10 -3.68
C THR B 28 16.88 -3.36 -4.81
N PRO B 29 18.19 -3.21 -4.67
CA PRO B 29 18.93 -2.48 -5.69
C PRO B 29 18.96 -3.17 -7.07
N ASP B 30 18.84 -2.36 -8.13
CA ASP B 30 19.02 -2.81 -9.52
C ASP B 30 20.10 -1.92 -10.17
N TYR B 31 21.27 -2.50 -10.42
CA TYR B 31 22.42 -1.73 -10.94
C TYR B 31 22.44 -1.75 -12.49
N SER B 32 21.58 -2.55 -13.11
CA SER B 32 21.74 -2.89 -14.52
C SER B 32 21.49 -1.70 -15.45
N ARG B 33 20.88 -0.63 -14.98
CA ARG B 33 20.54 0.49 -15.88
C ARG B 33 21.04 1.83 -15.32
N ASP B 34 22.15 1.80 -14.61
CA ASP B 34 22.58 2.96 -13.81
C ASP B 34 22.82 4.18 -14.70
N GLU B 35 23.55 4.02 -15.80
CA GLU B 35 23.89 5.18 -16.63
C GLU B 35 22.64 5.74 -17.31
N GLU B 36 21.74 4.88 -17.78
CA GLU B 36 20.51 5.36 -18.40
C GLU B 36 19.67 6.15 -17.38
N MET B 37 19.61 5.68 -16.13
CA MET B 37 18.75 6.31 -15.08
C MET B 37 19.35 7.68 -14.69
N VAL B 38 20.66 7.74 -14.48
CA VAL B 38 21.31 9.04 -14.22
C VAL B 38 21.00 10.02 -15.35
N GLU B 39 21.04 9.55 -16.60
CA GLU B 39 20.78 10.44 -17.75
C GLU B 39 19.32 10.91 -17.73
N LEU B 40 18.42 10.01 -17.35
CA LEU B 40 17.02 10.36 -17.27
C LEU B 40 16.83 11.42 -16.17
N LEU B 41 17.43 11.24 -15.02
CA LEU B 41 17.29 12.24 -13.89
C LEU B 41 17.82 13.62 -14.31
N LYS B 42 18.98 13.66 -14.97
CA LYS B 42 19.57 14.94 -15.43
C LYS B 42 18.63 15.61 -16.42
N THR B 43 18.05 14.84 -17.33
CA THR B 43 17.15 15.41 -18.31
C THR B 43 15.92 15.97 -17.61
N ALA B 44 15.37 15.21 -16.68
CA ALA B 44 14.20 15.71 -15.91
C ALA B 44 14.57 17.03 -15.21
N ILE B 45 15.70 17.03 -14.53
CA ILE B 45 16.11 18.25 -13.79
C ILE B 45 16.21 19.43 -14.76
N LYS B 46 16.91 19.22 -15.91
CA LYS B 46 17.16 20.32 -16.88
C LYS B 46 15.84 20.82 -17.45
N MET B 47 14.85 19.94 -17.55
CA MET B 47 13.52 20.30 -18.05
C MET B 47 12.76 21.15 -17.02
N GLY B 48 13.24 21.21 -15.78
CA GLY B 48 12.55 22.01 -14.75
C GLY B 48 12.03 21.18 -13.59
N TYR B 49 12.34 19.86 -13.53
CA TYR B 49 11.93 19.04 -12.38
C TYR B 49 12.99 19.15 -11.29
N THR B 50 12.96 20.24 -10.54
CA THR B 50 13.99 20.50 -9.52
C THR B 50 13.50 20.02 -8.14
N HIS B 51 12.21 19.73 -8.03
CA HIS B 51 11.64 19.07 -6.83
C HIS B 51 11.70 17.54 -7.02
N ILE B 52 12.52 16.88 -6.25
CA ILE B 52 12.81 15.46 -6.36
C ILE B 52 12.34 14.71 -5.09
N ASP B 53 11.47 13.72 -5.29
CA ASP B 53 10.92 12.90 -4.19
C ASP B 53 11.59 11.52 -4.17
N THR B 54 12.31 11.21 -3.09
CA THR B 54 12.88 9.89 -2.91
C THR B 54 12.70 9.46 -1.45
N ALA B 55 13.34 8.36 -1.09
CA ALA B 55 13.20 7.69 0.23
C ALA B 55 14.37 6.73 0.43
N GLU B 56 14.79 6.48 1.67
CA GLU B 56 15.81 5.50 1.94
C GLU B 56 15.40 4.10 1.44
N TYR B 57 14.10 3.82 1.45
CA TYR B 57 13.60 2.49 1.00
C TYR B 57 13.75 2.28 -0.52
N TYR B 58 13.73 3.33 -1.32
CA TYR B 58 13.71 3.20 -2.76
C TYR B 58 15.02 2.55 -3.26
N GLY B 59 14.86 1.41 -3.93
CA GLY B 59 15.97 0.64 -4.49
C GLY B 59 16.91 0.13 -3.42
N GLY B 60 16.36 -0.12 -2.23
CA GLY B 60 17.20 -0.49 -1.09
C GLY B 60 18.32 0.51 -0.84
N GLY B 61 18.11 1.78 -1.17
CA GLY B 61 19.13 2.82 -1.00
C GLY B 61 19.71 3.31 -2.32
N HIS B 62 19.56 2.50 -3.37
CA HIS B 62 20.22 2.78 -4.63
C HIS B 62 19.56 3.97 -5.37
N THR B 63 18.26 4.17 -5.17
CA THR B 63 17.64 5.31 -5.82
C THR B 63 18.37 6.60 -5.40
N GLU B 64 18.64 6.74 -4.12
CA GLU B 64 19.28 7.93 -3.57
C GLU B 64 20.68 8.07 -4.17
N GLU B 65 21.43 6.96 -4.33
CA GLU B 65 22.78 6.97 -4.93
C GLU B 65 22.70 7.43 -6.40
N LEU B 66 21.69 7.02 -7.16
CA LEU B 66 21.56 7.49 -8.54
C LEU B 66 21.21 8.98 -8.56
N ILE B 67 20.36 9.41 -7.63
CA ILE B 67 19.98 10.82 -7.55
C ILE B 67 21.24 11.62 -7.21
N GLY B 68 22.07 11.08 -6.33
CA GLY B 68 23.25 11.73 -5.86
C GLY B 68 24.24 12.02 -6.99
N LYS B 69 24.33 11.10 -7.95
CA LYS B 69 25.19 11.29 -9.13
C LYS B 69 24.56 12.36 -10.02
N ALA B 70 23.28 12.24 -10.29
CA ALA B 70 22.61 13.14 -11.22
C ALA B 70 22.70 14.61 -10.77
N ILE B 71 22.58 14.87 -9.48
CA ILE B 71 22.45 16.25 -9.01
C ILE B 71 23.81 16.98 -9.08
N LYS B 72 24.92 16.23 -9.10
CA LYS B 72 26.26 16.79 -9.20
C LYS B 72 26.42 17.67 -10.44
N ASP B 73 25.57 17.53 -11.47
CA ASP B 73 25.61 18.39 -12.65
C ASP B 73 24.88 19.71 -12.37
N PHE B 74 24.44 19.97 -11.15
CA PHE B 74 23.61 21.16 -10.89
C PHE B 74 24.02 21.79 -9.56
N ARG B 75 23.50 22.97 -9.33
CA ARG B 75 23.76 23.67 -8.07
C ARG B 75 22.82 23.10 -7.00
N ARG B 76 23.38 22.56 -5.93
CA ARG B 76 22.58 21.93 -4.88
C ARG B 76 21.42 22.85 -4.44
N GLU B 77 21.69 24.15 -4.31
CA GLU B 77 20.75 25.12 -3.76
C GLU B 77 19.58 25.37 -4.71
N ASP B 78 19.71 24.99 -5.98
CA ASP B 78 18.61 25.13 -6.92
C ASP B 78 17.63 23.94 -6.80
N LEU B 79 18.01 22.88 -6.10
CA LEU B 79 17.18 21.65 -6.02
C LEU B 79 16.41 21.60 -4.69
N PHE B 80 15.19 21.06 -4.75
CA PHE B 80 14.39 20.72 -3.56
C PHE B 80 14.30 19.20 -3.44
N ILE B 81 15.17 18.62 -2.60
CA ILE B 81 15.31 17.19 -2.48
C ILE B 81 14.57 16.74 -1.21
N VAL B 82 13.60 15.84 -1.41
CA VAL B 82 12.78 15.25 -0.35
C VAL B 82 13.23 13.80 -0.11
N SER B 83 13.54 13.44 1.14
CA SER B 83 13.69 12.04 1.49
C SER B 83 12.80 11.68 2.69
N LYS B 84 12.85 10.40 3.05
CA LYS B 84 11.84 9.81 3.96
C LYS B 84 12.49 8.72 4.79
N VAL B 85 12.09 8.60 6.04
CA VAL B 85 12.62 7.57 6.95
C VAL B 85 11.54 6.47 7.10
N TRP B 86 11.97 5.21 6.94
CA TRP B 86 11.08 4.03 6.94
C TRP B 86 10.60 3.73 8.37
N PRO B 87 9.37 3.22 8.52
CA PRO B 87 8.79 3.06 9.87
C PRO B 87 9.57 2.17 10.85
N THR B 88 10.49 1.34 10.38
CA THR B 88 11.33 0.54 11.29
C THR B 88 12.41 1.41 11.95
N HIS B 89 12.61 2.65 11.50
CA HIS B 89 13.74 3.48 11.92
C HIS B 89 13.29 4.75 12.66
N LEU B 90 12.10 4.78 13.29
CA LEU B 90 11.57 6.01 13.82
C LEU B 90 12.03 6.26 15.26
N ARG B 91 12.71 5.34 15.91
CA ARG B 91 13.37 5.64 17.21
C ARG B 91 14.57 6.57 16.99
N ARG B 92 14.91 7.36 18.01
CA ARG B 92 15.81 8.49 17.87
C ARG B 92 17.11 8.10 17.14
N ASP B 93 17.78 7.08 17.65
CA ASP B 93 19.12 6.71 17.16
C ASP B 93 19.06 6.14 15.74
N ASP B 94 18.03 5.31 15.47
CA ASP B 94 17.82 4.77 14.15
C ASP B 94 17.48 5.89 13.17
N LEU B 95 16.66 6.86 13.59
CA LEU B 95 16.25 7.90 12.68
C LEU B 95 17.49 8.73 12.27
N LEU B 96 18.35 9.11 13.23
CA LEU B 96 19.53 9.96 12.89
C LEU B 96 20.55 9.14 12.06
N ARG B 97 20.66 7.87 12.33
CA ARG B 97 21.48 7.00 11.48
C ARG B 97 20.92 6.96 10.07
N SER B 98 19.61 6.78 9.93
CA SER B 98 18.98 6.76 8.61
C SER B 98 19.24 8.07 7.85
N LEU B 99 19.05 9.19 8.53
CA LEU B 99 19.26 10.51 7.92
C LEU B 99 20.71 10.62 7.40
N GLU B 100 21.67 10.27 8.22
CA GLU B 100 23.07 10.42 7.87
C GLU B 100 23.39 9.55 6.64
N ASN B 101 22.89 8.31 6.63
CA ASN B 101 23.10 7.39 5.51
C ASN B 101 22.41 7.90 4.26
N THR B 102 21.23 8.51 4.39
CA THR B 102 20.58 9.12 3.26
C THR B 102 21.47 10.25 2.69
N LEU B 103 22.09 11.03 3.57
CA LEU B 103 22.95 12.15 3.11
C LEU B 103 24.24 11.59 2.50
N LYS B 104 24.78 10.50 3.02
CA LYS B 104 25.93 9.86 2.36
C LYS B 104 25.55 9.35 0.96
N ARG B 105 24.39 8.70 0.77
CA ARG B 105 24.04 8.15 -0.55
C ARG B 105 23.69 9.26 -1.54
N LEU B 106 22.94 10.27 -1.10
CA LEU B 106 22.67 11.45 -1.95
C LEU B 106 23.98 12.26 -2.17
N ASP B 107 24.97 12.03 -1.32
CA ASP B 107 26.26 12.76 -1.27
C ASP B 107 25.99 14.27 -1.21
N THR B 108 25.26 14.68 -0.16
CA THR B 108 24.87 16.08 0.07
C THR B 108 24.89 16.34 1.58
N ASP B 109 24.93 17.61 1.98
CA ASP B 109 25.10 17.98 3.38
C ASP B 109 23.73 18.10 4.07
N TYR B 110 22.65 18.26 3.31
CA TYR B 110 21.32 18.41 3.88
C TYR B 110 20.26 17.89 2.90
N VAL B 111 19.06 17.62 3.44
CA VAL B 111 17.86 17.43 2.62
C VAL B 111 16.99 18.65 2.84
N ASP B 112 16.21 18.99 1.85
CA ASP B 112 15.30 20.14 1.92
C ASP B 112 14.07 19.78 2.79
N LEU B 113 13.63 18.52 2.67
CA LEU B 113 12.39 18.05 3.34
C LEU B 113 12.60 16.57 3.71
N TYR B 114 12.42 16.27 5.01
CA TYR B 114 12.49 14.92 5.51
C TYR B 114 11.12 14.51 6.07
N LEU B 115 10.60 13.37 5.62
CA LEU B 115 9.27 12.86 5.98
C LEU B 115 9.36 11.54 6.76
N ILE B 116 8.46 11.38 7.73
CA ILE B 116 8.10 10.05 8.22
C ILE B 116 7.36 9.33 7.08
N HIS B 117 7.91 8.24 6.56
CA HIS B 117 7.38 7.60 5.35
C HIS B 117 6.01 6.94 5.62
N TRP B 118 5.92 6.20 6.72
CA TRP B 118 4.67 5.60 7.22
C TRP B 118 4.66 5.69 8.74
N PRO B 119 3.50 5.80 9.35
CA PRO B 119 3.48 5.75 10.83
C PRO B 119 3.81 4.35 11.34
N ASN B 120 4.44 4.29 12.50
CA ASN B 120 4.62 3.09 13.26
C ASN B 120 4.01 3.33 14.66
N PRO B 121 2.82 2.78 14.92
CA PRO B 121 2.12 3.00 16.21
C PRO B 121 2.92 2.48 17.43
N GLU B 122 3.88 1.60 17.25
CA GLU B 122 4.70 1.10 18.37
C GLU B 122 5.73 2.14 18.83
N ILE B 123 6.06 3.14 18.03
CA ILE B 123 7.15 4.09 18.38
C ILE B 123 6.49 5.45 18.64
N PRO B 124 6.75 6.03 19.81
CA PRO B 124 6.05 7.28 20.15
C PRO B 124 6.40 8.42 19.17
N LEU B 125 5.38 9.09 18.68
CA LEU B 125 5.52 10.12 17.68
C LEU B 125 6.41 11.27 18.19
N GLU B 126 6.33 11.56 19.48
CA GLU B 126 7.08 12.63 20.10
C GLU B 126 8.59 12.33 20.02
N GLU B 127 8.99 11.10 20.29
CA GLU B 127 10.38 10.70 20.15
C GLU B 127 10.86 10.97 18.70
N THR B 128 10.06 10.53 17.73
CA THR B 128 10.42 10.58 16.33
C THR B 128 10.60 12.05 15.93
N LEU B 129 9.62 12.88 16.27
CA LEU B 129 9.61 14.27 15.87
C LEU B 129 10.76 15.04 16.56
N SER B 130 11.08 14.74 17.83
CA SER B 130 12.23 15.31 18.50
C SER B 130 13.53 14.97 17.77
N ALA B 131 13.68 13.71 17.35
CA ALA B 131 14.85 13.29 16.59
C ALA B 131 14.94 14.11 15.29
N MET B 132 13.82 14.35 14.63
CA MET B 132 13.83 15.09 13.39
C MET B 132 14.25 16.55 13.64
N ALA B 133 13.76 17.11 14.74
CA ALA B 133 14.14 18.47 15.16
C ALA B 133 15.64 18.54 15.47
N GLU B 134 16.24 17.48 15.99
CA GLU B 134 17.70 17.43 16.14
C GLU B 134 18.37 17.58 14.78
N GLY B 135 17.87 16.86 13.75
CA GLY B 135 18.38 17.05 12.40
C GLY B 135 18.27 18.50 11.93
N VAL B 136 17.13 19.14 12.17
CA VAL B 136 16.94 20.51 11.74
C VAL B 136 17.96 21.41 12.47
N ARG B 137 18.10 21.24 13.77
CA ARG B 137 18.97 22.06 14.59
C ARG B 137 20.44 21.90 14.16
N GLN B 138 20.81 20.72 13.66
CA GLN B 138 22.20 20.46 13.22
C GLN B 138 22.41 20.91 11.77
N GLY B 139 21.40 21.46 11.13
CA GLY B 139 21.50 21.89 9.74
C GLY B 139 21.40 20.76 8.74
N LEU B 140 20.87 19.59 9.12
CA LEU B 140 20.83 18.41 8.23
C LEU B 140 19.50 18.38 7.45
N ILE B 141 18.49 19.09 7.96
CA ILE B 141 17.17 19.11 7.36
C ILE B 141 16.71 20.56 7.34
N ARG B 142 16.13 21.05 6.24
CA ARG B 142 15.56 22.38 6.27
C ARG B 142 14.15 22.28 6.84
N TYR B 143 13.36 21.32 6.41
CA TYR B 143 11.92 21.25 6.78
C TYR B 143 11.49 19.80 7.03
N ILE B 144 10.47 19.64 7.84
CA ILE B 144 10.01 18.29 8.15
C ILE B 144 8.53 18.17 7.80
N GLY B 145 8.14 16.94 7.50
CA GLY B 145 6.75 16.62 7.27
C GLY B 145 6.47 15.14 7.48
N VAL B 146 5.29 14.73 7.07
CA VAL B 146 4.86 13.36 7.29
C VAL B 146 4.31 12.79 5.99
N SER B 147 4.19 11.47 5.97
CA SER B 147 3.53 10.82 4.84
C SER B 147 2.59 9.71 5.34
N ASN B 148 1.46 9.55 4.67
CA ASN B 148 0.48 8.50 5.00
C ASN B 148 -0.09 8.70 6.39
N PHE B 149 -0.23 9.97 6.79
CA PHE B 149 -0.90 10.39 8.02
C PHE B 149 -2.30 10.88 7.67
N ASP B 150 -3.29 10.22 8.22
CA ASP B 150 -4.65 10.73 8.11
C ASP B 150 -4.78 12.04 8.92
N ARG B 151 -5.91 12.72 8.78
CA ARG B 151 -6.13 14.01 9.44
C ARG B 151 -5.81 13.94 10.94
N ARG B 152 -6.32 12.93 11.63
CA ARG B 152 -6.20 12.90 13.09
C ARG B 152 -4.74 12.73 13.51
N LEU B 153 -4.01 11.89 12.78
CA LEU B 153 -2.61 11.66 13.08
C LEU B 153 -1.79 12.90 12.67
N LEU B 154 -2.23 13.65 11.64
CA LEU B 154 -1.54 14.88 11.29
C LEU B 154 -1.73 15.90 12.42
N GLU B 155 -2.95 16.01 12.94
CA GLU B 155 -3.20 16.89 14.09
C GLU B 155 -2.33 16.50 15.30
N GLU B 156 -2.20 15.21 15.56
CA GLU B 156 -1.40 14.75 16.67
C GLU B 156 0.08 15.11 16.43
N ALA B 157 0.58 14.91 15.20
CA ALA B 157 1.99 15.25 14.88
C ALA B 157 2.20 16.76 15.09
N ILE B 158 1.30 17.59 14.60
CA ILE B 158 1.44 19.02 14.80
C ILE B 158 1.49 19.35 16.31
N SER B 159 0.72 18.66 17.14
CA SER B 159 0.71 18.94 18.57
C SER B 159 2.02 18.45 19.24
N LYS B 160 2.72 17.45 18.70
CA LYS B 160 3.92 16.94 19.35
C LYS B 160 5.22 17.50 18.75
N SER B 161 5.16 18.38 17.76
CA SER B 161 6.35 18.74 16.98
C SER B 161 6.85 20.14 17.37
N GLN B 162 8.09 20.24 17.81
CA GLN B 162 8.77 21.53 18.00
C GLN B 162 8.86 22.27 16.66
N GLU B 163 9.13 21.56 15.56
CA GLU B 163 9.22 22.19 14.24
C GLU B 163 7.87 22.14 13.52
N PRO B 164 7.61 23.13 12.64
CA PRO B 164 6.43 23.10 11.79
C PRO B 164 6.37 21.85 10.89
N ILE B 165 5.20 21.23 10.79
CA ILE B 165 4.92 20.16 9.81
C ILE B 165 4.47 20.81 8.51
N VAL B 166 5.34 20.84 7.49
CA VAL B 166 5.05 21.66 6.34
C VAL B 166 4.18 20.89 5.34
N CYS B 167 4.16 19.56 5.41
CA CYS B 167 3.34 18.82 4.44
C CYS B 167 2.93 17.43 4.96
N ASP B 168 1.94 16.89 4.28
CA ASP B 168 1.47 15.50 4.41
C ASP B 168 1.35 14.88 3.00
N GLN B 169 2.16 13.86 2.74
CA GLN B 169 2.23 13.23 1.44
C GLN B 169 1.33 11.99 1.47
N VAL B 170 0.24 12.03 0.71
CA VAL B 170 -0.80 10.96 0.72
C VAL B 170 -1.22 10.60 -0.71
N LYS B 171 -1.77 9.40 -0.85
CA LYS B 171 -2.42 8.98 -2.11
C LYS B 171 -3.68 9.81 -2.38
N TYR B 172 -3.68 10.47 -3.54
CA TYR B 172 -4.77 11.31 -3.96
C TYR B 172 -4.77 11.41 -5.48
N ASN B 173 -5.90 11.07 -6.10
CA ASN B 173 -6.08 11.12 -7.53
C ASN B 173 -7.59 11.12 -7.84
N ILE B 174 -7.92 11.11 -9.12
CA ILE B 174 -9.29 11.31 -9.60
C ILE B 174 -10.22 10.21 -9.06
N GLU B 175 -9.70 9.01 -8.71
CA GLU B 175 -10.56 7.97 -8.13
C GLU B 175 -10.32 7.78 -6.62
N ASP B 176 -9.13 8.08 -6.08
CA ASP B 176 -8.85 7.85 -4.66
CA ASP B 176 -8.88 7.84 -4.65
C ASP B 176 -9.11 9.14 -3.88
N ARG B 177 -10.22 9.19 -3.16
CA ARG B 177 -10.66 10.43 -2.55
C ARG B 177 -10.53 10.36 -1.03
N ASP B 178 -9.76 9.47 -0.48
CA ASP B 178 -9.66 9.34 1.01
C ASP B 178 -9.32 10.70 1.62
N PRO B 179 -8.41 11.48 1.03
CA PRO B 179 -8.12 12.75 1.68
C PRO B 179 -9.33 13.71 1.71
N GLU B 180 -10.25 13.58 0.76
CA GLU B 180 -11.46 14.42 0.78
C GLU B 180 -12.39 13.94 1.89
N ARG B 181 -12.65 12.64 1.91
CA ARG B 181 -13.61 12.03 2.82
C ARG B 181 -13.16 12.15 4.28
N ASP B 182 -11.85 12.27 4.52
CA ASP B 182 -11.24 12.32 5.86
C ASP B 182 -11.22 13.75 6.42
N GLY B 183 -11.50 14.74 5.59
CA GLY B 183 -11.32 16.13 5.95
C GLY B 183 -9.86 16.56 5.89
N LEU B 184 -8.99 15.73 5.35
CA LEU B 184 -7.54 16.03 5.39
C LEU B 184 -7.24 17.22 4.46
N LEU B 185 -7.79 17.21 3.26
CA LEU B 185 -7.51 18.29 2.33
C LEU B 185 -7.97 19.63 2.93
N GLU B 186 -9.21 19.65 3.40
CA GLU B 186 -9.76 20.84 4.04
C GLU B 186 -8.90 21.26 5.24
N PHE B 187 -8.53 20.31 6.10
CA PHE B 187 -7.65 20.63 7.25
C PHE B 187 -6.36 21.33 6.77
N CYS B 188 -5.72 20.78 5.73
CA CYS B 188 -4.46 21.30 5.23
C CYS B 188 -4.65 22.73 4.71
N GLN B 189 -5.74 22.93 3.97
CA GLN B 189 -6.06 24.21 3.35
C GLN B 189 -6.29 25.28 4.41
N LYS B 190 -6.85 24.90 5.55
CA LYS B 190 -7.18 25.86 6.60
C LYS B 190 -6.02 26.05 7.58
N ASN B 191 -5.02 25.16 7.58
CA ASN B 191 -3.98 25.20 8.60
C ASN B 191 -2.59 25.40 7.97
N GLY B 192 -2.47 25.68 6.68
CA GLY B 192 -1.14 26.00 6.12
C GLY B 192 -0.23 24.79 5.98
N VAL B 193 -0.81 23.64 5.65
CA VAL B 193 -0.05 22.42 5.35
C VAL B 193 -0.24 22.10 3.87
N THR B 194 0.84 21.75 3.20
CA THR B 194 0.77 21.34 1.81
C THR B 194 0.39 19.86 1.74
N LEU B 195 -0.62 19.54 0.98
CA LEU B 195 -0.95 18.14 0.68
C LEU B 195 -0.22 17.72 -0.60
N VAL B 196 0.65 16.74 -0.48
CA VAL B 196 1.41 16.23 -1.60
C VAL B 196 0.77 14.93 -2.06
N ALA B 197 0.21 14.94 -3.24
CA ALA B 197 -0.51 13.81 -3.82
C ALA B 197 0.46 12.86 -4.53
N TYR B 198 0.61 11.67 -3.97
CA TYR B 198 1.29 10.64 -4.70
C TYR B 198 0.28 9.76 -5.45
N SER B 199 0.82 8.92 -6.33
CA SER B 199 0.05 8.17 -7.32
C SER B 199 -1.05 9.08 -7.90
N PRO B 200 -0.71 10.30 -8.32
CA PRO B 200 -1.67 11.28 -8.87
C PRO B 200 -2.37 10.76 -10.16
N LEU B 201 -1.72 9.85 -10.85
CA LEU B 201 -2.36 9.28 -12.08
C LEU B 201 -3.00 7.92 -11.77
N ARG B 202 -2.94 7.47 -10.51
CA ARG B 202 -3.48 6.17 -10.01
C ARG B 202 -2.75 5.02 -10.69
N ARG B 203 -1.46 5.22 -11.04
CA ARG B 203 -0.65 4.24 -11.80
C ARG B 203 -1.28 3.88 -13.17
N THR B 204 -2.13 4.78 -13.70
CA THR B 204 -2.81 4.70 -15.03
C THR B 204 -4.01 3.74 -15.01
N LEU B 205 -4.34 3.25 -13.83
CA LEU B 205 -5.45 2.31 -13.60
C LEU B 205 -6.69 3.09 -13.18
N LEU B 206 -7.62 3.23 -14.11
CA LEU B 206 -8.92 3.95 -13.98
C LEU B 206 -10.07 3.03 -14.36
N SER B 207 -11.30 3.47 -14.12
CA SER B 207 -12.44 2.66 -14.57
C SER B 207 -12.96 3.14 -15.92
N GLU B 208 -13.88 2.38 -16.55
CA GLU B 208 -14.44 2.82 -17.85
C GLU B 208 -15.20 4.17 -17.70
N LYS B 209 -16.04 4.37 -16.68
CA LYS B 209 -16.82 5.65 -16.57
C LYS B 209 -16.03 6.94 -16.28
N THR B 210 -14.99 6.87 -15.45
CA THR B 210 -14.10 8.00 -15.18
C THR B 210 -13.47 8.34 -16.53
N LYS B 211 -13.16 7.31 -17.29
CA LYS B 211 -12.51 7.47 -18.58
C LYS B 211 -13.41 8.29 -19.50
N ARG B 212 -14.72 8.03 -19.51
CA ARG B 212 -15.62 8.73 -20.44
C ARG B 212 -15.60 10.22 -20.12
N THR B 213 -15.62 10.59 -18.84
CA THR B 213 -15.62 11.98 -18.46
C THR B 213 -14.26 12.63 -18.76
N LEU B 214 -13.17 11.96 -18.41
CA LEU B 214 -11.86 12.52 -18.66
C LEU B 214 -11.65 12.73 -20.17
N GLU B 215 -12.17 11.83 -21.00
CA GLU B 215 -11.97 11.91 -22.46
C GLU B 215 -12.66 13.16 -23.02
N GLU B 216 -13.86 13.48 -22.58
CA GLU B 216 -14.56 14.68 -23.11
C GLU B 216 -13.73 15.93 -22.75
N ILE B 217 -13.28 15.99 -21.49
CA ILE B 217 -12.54 17.17 -21.03
C ILE B 217 -11.17 17.25 -21.73
N ALA B 218 -10.52 16.11 -21.91
CA ALA B 218 -9.18 16.13 -22.57
C ALA B 218 -9.30 16.66 -24.01
N LYS B 219 -10.34 16.21 -24.69
CA LYS B 219 -10.61 16.59 -26.09
C LYS B 219 -10.76 18.12 -26.16
N ASN B 220 -11.63 18.67 -25.32
CA ASN B 220 -11.85 20.13 -25.30
C ASN B 220 -10.53 20.88 -25.05
N HIS B 221 -9.55 20.29 -24.39
CA HIS B 221 -8.30 21.01 -24.11
C HIS B 221 -7.18 20.54 -25.04
N GLY B 222 -7.48 19.66 -25.99
CA GLY B 222 -6.43 19.02 -26.81
C GLY B 222 -5.36 18.35 -25.95
N ALA B 223 -5.78 17.67 -24.88
CA ALA B 223 -4.84 17.12 -23.88
C ALA B 223 -5.02 15.59 -23.76
N THR B 224 -4.16 14.90 -23.01
CA THR B 224 -4.41 13.49 -22.69
C THR B 224 -5.21 13.42 -21.40
N ILE B 225 -5.86 12.28 -21.16
CA ILE B 225 -6.64 12.11 -19.93
C ILE B 225 -5.73 12.25 -18.70
N TYR B 226 -4.42 11.97 -18.83
CA TYR B 226 -3.47 12.06 -17.72
C TYR B 226 -3.15 13.50 -17.39
N GLN B 227 -2.97 14.33 -18.41
CA GLN B 227 -2.78 15.76 -18.20
C GLN B 227 -4.00 16.37 -17.47
N ILE B 228 -5.20 15.93 -17.78
CA ILE B 228 -6.39 16.43 -17.12
C ILE B 228 -6.38 15.97 -15.64
N MET B 229 -5.96 14.74 -15.40
CA MET B 229 -5.89 14.25 -14.03
C MET B 229 -4.92 15.10 -13.20
N LEU B 230 -3.80 15.51 -13.78
CA LEU B 230 -2.86 16.37 -13.07
C LEU B 230 -3.41 17.80 -12.89
N ALA B 231 -3.90 18.40 -13.97
CA ALA B 231 -4.46 19.75 -13.89
C ALA B 231 -5.52 19.80 -12.77
N TRP B 232 -6.25 18.72 -12.60
CA TRP B 232 -7.33 18.68 -11.62
C TRP B 232 -6.75 18.84 -10.22
N LEU B 233 -5.68 18.13 -9.93
CA LEU B 233 -5.07 18.17 -8.62
C LEU B 233 -4.47 19.56 -8.39
N LEU B 234 -3.74 20.04 -9.40
CA LEU B 234 -2.99 21.29 -9.28
C LEU B 234 -3.91 22.51 -9.18
N ALA B 235 -5.17 22.38 -9.60
CA ALA B 235 -6.14 23.48 -9.47
C ALA B 235 -6.55 23.65 -8.01
N LYS B 236 -6.26 22.68 -7.14
CA LYS B 236 -6.74 22.75 -5.75
C LYS B 236 -5.71 23.48 -4.88
N PRO B 237 -6.21 24.42 -4.05
CA PRO B 237 -5.34 25.10 -3.10
C PRO B 237 -4.59 24.09 -2.23
N ASN B 238 -3.29 24.29 -2.09
CA ASN B 238 -2.41 23.56 -1.16
C ASN B 238 -1.98 22.20 -1.75
N VAL B 239 -2.36 21.87 -2.99
CA VAL B 239 -2.08 20.51 -3.51
C VAL B 239 -0.90 20.57 -4.49
N VAL B 240 0.11 19.77 -4.22
CA VAL B 240 1.14 19.49 -5.21
C VAL B 240 1.10 17.99 -5.53
N ALA B 241 1.66 17.60 -6.66
CA ALA B 241 1.58 16.22 -7.13
C ALA B 241 2.96 15.69 -7.46
N ILE B 242 3.16 14.39 -7.20
CA ILE B 242 4.41 13.69 -7.46
C ILE B 242 4.15 12.58 -8.49
N PRO B 243 4.05 12.89 -9.79
CA PRO B 243 3.86 11.76 -10.71
C PRO B 243 5.19 11.01 -10.89
N LYS B 244 5.14 9.73 -11.07
CA LYS B 244 6.36 9.04 -11.53
C LYS B 244 6.43 9.22 -13.05
N ALA B 245 7.48 9.76 -13.59
CA ALA B 245 7.62 9.75 -15.08
C ALA B 245 8.97 9.14 -15.46
N GLY B 246 8.91 7.93 -16.00
CA GLY B 246 10.13 7.19 -16.33
C GLY B 246 10.61 7.42 -17.74
N ARG B 247 9.95 8.29 -18.50
CA ARG B 247 10.33 8.56 -19.89
C ARG B 247 10.19 10.05 -20.19
N VAL B 248 10.93 10.50 -21.19
CA VAL B 248 10.97 11.89 -21.55
C VAL B 248 9.60 12.33 -22.07
N GLU B 249 8.93 11.47 -22.85
CA GLU B 249 7.61 11.85 -23.36
C GLU B 249 6.67 12.14 -22.18
N HIS B 250 6.77 11.37 -21.10
CA HIS B 250 5.88 11.55 -19.94
C HIS B 250 6.30 12.79 -19.13
N LEU B 251 7.60 13.00 -18.94
CA LEU B 251 8.10 14.23 -18.28
C LEU B 251 7.61 15.47 -19.02
N ARG B 252 7.69 15.49 -20.36
CA ARG B 252 7.25 16.64 -21.13
C ARG B 252 5.73 16.78 -21.02
N GLU B 253 5.02 15.67 -21.17
CA GLU B 253 3.56 15.71 -21.17
C GLU B 253 3.06 16.24 -19.82
N ASN B 254 3.67 15.77 -18.74
CA ASN B 254 3.21 16.11 -17.38
C ASN B 254 3.49 17.60 -17.09
N LEU B 255 4.62 18.10 -17.56
CA LEU B 255 4.96 19.54 -17.45
C LEU B 255 3.90 20.39 -18.17
N LYS B 256 3.45 20.00 -19.36
CA LYS B 256 2.46 20.78 -20.11
C LYS B 256 1.12 20.81 -19.38
N ALA B 257 0.87 19.84 -18.49
CA ALA B 257 -0.37 19.81 -17.71
C ALA B 257 -0.47 21.02 -16.78
N THR B 258 0.67 21.60 -16.43
CA THR B 258 0.67 22.75 -15.51
C THR B 258 0.14 24.00 -16.22
N GLU B 259 -0.22 23.93 -17.50
CA GLU B 259 -0.70 25.09 -18.24
C GLU B 259 -2.19 24.94 -18.55
N ILE B 260 -2.78 23.81 -18.18
CA ILE B 260 -4.16 23.63 -18.50
C ILE B 260 -4.99 24.44 -17.51
N LYS B 261 -5.96 25.18 -18.00
CA LYS B 261 -6.88 25.90 -17.13
C LYS B 261 -8.28 25.29 -17.28
N LEU B 262 -8.69 24.57 -16.26
CA LEU B 262 -9.99 23.93 -16.28
C LEU B 262 -11.07 24.96 -15.92
N SER B 263 -12.23 24.79 -16.51
CA SER B 263 -13.37 25.67 -16.17
C SER B 263 -14.00 25.19 -14.85
N GLU B 264 -14.85 26.03 -14.28
CA GLU B 264 -15.55 25.75 -13.01
C GLU B 264 -16.44 24.53 -13.23
N GLU B 265 -17.10 24.46 -14.39
CA GLU B 265 -17.96 23.29 -14.64
C GLU B 265 -17.09 22.01 -14.79
N GLU B 266 -15.92 22.13 -15.41
CA GLU B 266 -15.02 20.97 -15.60
C GLU B 266 -14.57 20.46 -14.21
N MET B 267 -14.14 21.37 -13.34
CA MET B 267 -13.79 21.03 -11.95
C MET B 267 -14.94 20.34 -11.24
N LYS B 268 -16.17 20.82 -11.44
CA LYS B 268 -17.34 20.27 -10.76
C LYS B 268 -17.63 18.85 -11.24
N LEU B 269 -17.51 18.67 -12.53
CA LEU B 269 -17.73 17.35 -13.11
C LEU B 269 -16.66 16.39 -12.56
N LEU B 270 -15.41 16.82 -12.61
CA LEU B 270 -14.29 15.97 -12.15
C LEU B 270 -14.45 15.66 -10.66
N ASP B 271 -14.83 16.65 -9.85
CA ASP B 271 -15.02 16.42 -8.39
C ASP B 271 -16.03 15.30 -8.14
N SER B 272 -17.10 15.28 -8.97
CA SER B 272 -18.23 14.34 -8.83
C SER B 272 -17.85 12.91 -9.23
N LEU B 273 -16.70 12.66 -9.84
CA LEU B 273 -16.36 11.28 -10.19
C LEU B 273 -16.00 10.47 -8.93
N GLY B 274 -15.94 11.10 -7.76
CA GLY B 274 -15.74 10.38 -6.51
C GLY B 274 -16.50 11.05 -5.38
#